data_2JMY
#
_entry.id   2JMY
#
_entity_poly.entity_id   1
_entity_poly.type   'polypeptide(L)'
_entity_poly.pdbx_seq_one_letter_code
;KWKLFKKIGAVLKVL
;
_entity_poly.pdbx_strand_id   A
#
# COMPACT_ATOMS: atom_id res chain seq x y z
N LYS A 1 2.05 -5.79 -6.43
CA LYS A 1 1.36 -5.03 -7.51
C LYS A 1 -0.15 -5.16 -7.40
N TRP A 2 -0.58 -6.30 -6.95
CA TRP A 2 -1.99 -6.61 -6.85
C TRP A 2 -2.80 -6.00 -5.68
N LYS A 3 -3.18 -6.82 -4.67
CA LYS A 3 -4.03 -6.35 -3.56
C LYS A 3 -3.22 -5.84 -2.40
N LEU A 4 -1.97 -6.12 -2.47
CA LEU A 4 -1.05 -5.65 -1.47
C LEU A 4 -0.38 -4.39 -1.98
N PHE A 5 -0.31 -4.25 -3.30
CA PHE A 5 0.25 -3.05 -3.89
C PHE A 5 -0.61 -1.90 -3.43
N LYS A 6 -1.83 -2.27 -3.14
CA LYS A 6 -2.82 -1.35 -2.66
C LYS A 6 -2.67 -1.24 -1.15
N LYS A 7 -2.14 -2.30 -0.53
CA LYS A 7 -1.92 -2.29 0.90
C LYS A 7 -0.57 -1.72 1.21
N ILE A 8 0.28 -1.65 0.18
CA ILE A 8 1.60 -1.10 0.37
C ILE A 8 1.63 0.37 0.03
N GLY A 9 0.78 0.76 -0.89
CA GLY A 9 0.68 2.15 -1.28
C GLY A 9 0.10 2.98 -0.16
N ALA A 10 -0.83 2.41 0.58
CA ALA A 10 -1.44 3.13 1.67
C ALA A 10 -0.47 3.25 2.82
N VAL A 11 0.37 2.25 3.01
CA VAL A 11 1.37 2.33 4.06
C VAL A 11 2.16 3.61 3.84
N LEU A 12 2.30 3.96 2.55
CA LEU A 12 2.95 5.20 2.16
C LEU A 12 2.32 6.33 2.93
N LYS A 13 1.01 6.18 3.12
CA LYS A 13 0.20 7.15 3.85
C LYS A 13 0.42 6.98 5.35
N VAL A 14 0.59 5.73 5.74
CA VAL A 14 0.82 5.39 7.13
C VAL A 14 2.25 5.70 7.56
N LEU A 15 3.06 6.10 6.59
CA LEU A 15 4.46 6.42 6.82
C LEU A 15 4.64 7.91 7.06
N LYS A 1 1.71 -5.77 -6.64
CA LYS A 1 1.00 -4.94 -7.64
C LYS A 1 -0.50 -5.01 -7.45
N TRP A 2 -0.95 -6.16 -7.02
CA TRP A 2 -2.37 -6.42 -6.84
C TRP A 2 -3.09 -5.81 -5.61
N LYS A 3 -3.44 -6.65 -4.61
CA LYS A 3 -4.20 -6.18 -3.45
C LYS A 3 -3.32 -5.73 -2.32
N LEU A 4 -2.08 -6.02 -2.47
CA LEU A 4 -1.10 -5.61 -1.50
C LEU A 4 -0.42 -4.36 -2.01
N PHE A 5 -0.42 -4.19 -3.33
CA PHE A 5 0.14 -2.98 -3.91
C PHE A 5 -0.67 -1.83 -3.41
N LYS A 6 -1.88 -2.17 -3.06
CA LYS A 6 -2.83 -1.25 -2.51
C LYS A 6 -2.61 -1.18 -1.00
N LYS A 7 -2.08 -2.27 -0.44
CA LYS A 7 -1.79 -2.31 0.98
C LYS A 7 -0.41 -1.76 1.24
N ILE A 8 0.39 -1.68 0.18
CA ILE A 8 1.72 -1.16 0.32
C ILE A 8 1.77 0.32 -0.02
N GLY A 9 0.88 0.72 -0.90
CA GLY A 9 0.80 2.11 -1.28
C GLY A 9 0.15 2.93 -0.19
N ALA A 10 -0.77 2.33 0.54
CA ALA A 10 -1.42 3.04 1.61
C ALA A 10 -0.48 3.20 2.78
N VAL A 11 0.38 2.21 3.00
CA VAL A 11 1.34 2.34 4.08
C VAL A 11 2.12 3.62 3.84
N LEU A 12 2.29 3.94 2.56
CA LEU A 12 2.93 5.17 2.15
C LEU A 12 2.30 6.32 2.90
N LYS A 13 0.99 6.18 3.08
CA LYS A 13 0.18 7.15 3.80
C LYS A 13 0.37 6.99 5.30
N VAL A 14 0.50 5.73 5.71
CA VAL A 14 0.67 5.39 7.10
C VAL A 14 2.12 5.63 7.56
N LEU A 15 2.96 6.04 6.61
CA LEU A 15 4.36 6.29 6.90
C LEU A 15 4.67 7.79 6.87
N LYS A 1 1.98 -5.80 -6.61
CA LYS A 1 1.28 -4.94 -7.61
C LYS A 1 -0.23 -5.04 -7.47
N TRP A 2 -0.67 -6.20 -7.06
CA TRP A 2 -2.09 -6.49 -6.95
C TRP A 2 -2.87 -5.90 -5.75
N LYS A 3 -3.24 -6.75 -4.75
CA LYS A 3 -4.06 -6.30 -3.62
C LYS A 3 -3.23 -5.85 -2.45
N LEU A 4 -1.98 -6.11 -2.55
CA LEU A 4 -1.04 -5.70 -1.55
C LEU A 4 -0.38 -4.41 -2.03
N PHE A 5 -0.32 -4.24 -3.35
CA PHE A 5 0.23 -3.02 -3.90
C PHE A 5 -0.64 -1.89 -3.43
N LYS A 6 -1.86 -2.27 -3.14
CA LYS A 6 -2.85 -1.37 -2.63
C LYS A 6 -2.68 -1.26 -1.12
N LYS A 7 -2.15 -2.33 -0.51
CA LYS A 7 -1.92 -2.30 0.92
C LYS A 7 -0.56 -1.74 1.21
N ILE A 8 0.28 -1.67 0.19
CA ILE A 8 1.60 -1.13 0.37
C ILE A 8 1.64 0.35 0.03
N GLY A 9 0.78 0.74 -0.89
CA GLY A 9 0.69 2.12 -1.30
C GLY A 9 0.13 2.97 -0.18
N ALA A 10 -0.80 2.42 0.57
CA ALA A 10 -1.40 3.14 1.67
C ALA A 10 -0.43 3.23 2.83
N VAL A 11 0.39 2.19 3.00
CA VAL A 11 1.38 2.24 4.06
C VAL A 11 2.17 3.54 3.91
N LEU A 12 2.30 3.95 2.65
CA LEU A 12 2.95 5.19 2.28
C LEU A 12 2.28 6.31 3.07
N LYS A 13 0.95 6.22 3.10
CA LYS A 13 0.13 7.17 3.82
C LYS A 13 0.39 7.06 5.31
N VAL A 14 0.59 5.82 5.74
CA VAL A 14 0.86 5.51 7.11
C VAL A 14 2.31 5.83 7.47
N LEU A 15 3.09 6.15 6.44
CA LEU A 15 4.50 6.47 6.61
C LEU A 15 4.68 7.93 7.05
N LYS A 1 2.09 -5.99 -6.27
CA LYS A 1 1.48 -5.15 -7.35
C LYS A 1 -0.03 -5.19 -7.31
N TRP A 2 -0.54 -6.32 -6.88
CA TRP A 2 -1.97 -6.54 -6.85
C TRP A 2 -2.79 -5.90 -5.71
N LYS A 3 -3.28 -6.69 -4.74
CA LYS A 3 -4.15 -6.18 -3.67
C LYS A 3 -3.37 -5.73 -2.47
N LEU A 4 -2.14 -6.08 -2.49
CA LEU A 4 -1.24 -5.69 -1.44
C LEU A 4 -0.46 -4.47 -1.89
N PHE A 5 -0.31 -4.32 -3.21
CA PHE A 5 0.37 -3.15 -3.75
C PHE A 5 -0.45 -1.96 -3.36
N LYS A 6 -1.72 -2.25 -3.13
CA LYS A 6 -2.66 -1.27 -2.71
C LYS A 6 -2.55 -1.14 -1.19
N LYS A 7 -2.12 -2.23 -0.55
CA LYS A 7 -1.91 -2.22 0.88
C LYS A 7 -0.53 -1.69 1.17
N ILE A 8 0.29 -1.59 0.13
CA ILE A 8 1.61 -1.06 0.30
C ILE A 8 1.65 0.42 -0.02
N GLY A 9 0.74 0.83 -0.90
CA GLY A 9 0.64 2.23 -1.26
C GLY A 9 0.05 3.03 -0.13
N ALA A 10 -0.86 2.42 0.61
CA ALA A 10 -1.47 3.10 1.72
C ALA A 10 -0.47 3.19 2.85
N VAL A 11 0.40 2.20 2.96
CA VAL A 11 1.43 2.26 3.99
C VAL A 11 2.20 3.54 3.76
N LEU A 12 2.25 3.97 2.50
CA LEU A 12 2.89 5.21 2.11
C LEU A 12 2.23 6.35 2.88
N LYS A 13 0.95 6.13 3.15
CA LYS A 13 0.13 7.08 3.89
C LYS A 13 0.41 6.94 5.38
N VAL A 14 0.58 5.70 5.79
CA VAL A 14 0.87 5.35 7.15
C VAL A 14 2.29 5.74 7.51
N LEU A 15 3.10 5.89 6.47
CA LEU A 15 4.49 6.26 6.60
C LEU A 15 4.65 7.63 7.26
N LYS A 1 2.43 -6.23 -6.00
CA LYS A 1 1.80 -5.49 -7.12
C LYS A 1 0.29 -5.63 -7.11
N TRP A 2 -0.17 -6.75 -6.61
CA TRP A 2 -1.60 -7.05 -6.59
C TRP A 2 -2.48 -6.38 -5.51
N LYS A 3 -2.94 -7.14 -4.48
CA LYS A 3 -3.85 -6.59 -3.47
C LYS A 3 -3.14 -6.01 -2.30
N LEU A 4 -1.87 -6.25 -2.26
CA LEU A 4 -1.04 -5.71 -1.24
C LEU A 4 -0.34 -4.48 -1.78
N PHE A 5 -0.19 -4.44 -3.11
CA PHE A 5 0.41 -3.27 -3.74
C PHE A 5 -0.47 -2.09 -3.44
N LYS A 6 -1.72 -2.44 -3.20
CA LYS A 6 -2.73 -1.51 -2.85
C LYS A 6 -2.66 -1.27 -1.35
N LYS A 7 -2.21 -2.30 -0.61
CA LYS A 7 -2.04 -2.18 0.82
C LYS A 7 -0.69 -1.58 1.12
N ILE A 8 0.14 -1.46 0.09
CA ILE A 8 1.45 -0.89 0.28
C ILE A 8 1.44 0.59 -0.05
N GLY A 9 0.62 0.95 -1.01
CA GLY A 9 0.50 2.33 -1.39
C GLY A 9 0.00 3.17 -0.24
N ALA A 10 -0.92 2.63 0.51
CA ALA A 10 -1.45 3.34 1.66
C ALA A 10 -0.46 3.31 2.79
N VAL A 11 0.37 2.26 2.85
CA VAL A 11 1.38 2.20 3.88
C VAL A 11 2.19 3.49 3.80
N LEU A 12 2.31 3.98 2.57
CA LEU A 12 2.99 5.23 2.30
C LEU A 12 2.35 6.31 3.15
N LYS A 13 1.03 6.24 3.20
CA LYS A 13 0.22 7.15 4.00
C LYS A 13 0.47 6.91 5.47
N VAL A 14 0.70 5.64 5.79
CA VAL A 14 0.94 5.22 7.15
C VAL A 14 2.38 5.52 7.57
N LEU A 15 3.17 5.98 6.62
CA LEU A 15 4.56 6.30 6.85
C LEU A 15 4.77 7.81 6.98
N LYS A 1 1.90 -4.08 -7.77
CA LYS A 1 1.34 -5.43 -7.49
C LYS A 1 -0.19 -5.39 -7.36
N TRP A 2 -0.77 -6.50 -6.93
CA TRP A 2 -2.22 -6.63 -6.84
C TRP A 2 -2.98 -5.93 -5.67
N LYS A 3 -3.46 -6.71 -4.67
CA LYS A 3 -4.27 -6.17 -3.58
C LYS A 3 -3.45 -5.72 -2.42
N LEU A 4 -2.23 -6.08 -2.46
CA LEU A 4 -1.29 -5.67 -1.44
C LEU A 4 -0.52 -4.48 -1.94
N PHE A 5 -0.42 -4.35 -3.27
CA PHE A 5 0.23 -3.19 -3.86
C PHE A 5 -0.53 -1.99 -3.42
N LYS A 6 -1.80 -2.26 -3.15
CA LYS A 6 -2.71 -1.27 -2.69
C LYS A 6 -2.56 -1.14 -1.19
N LYS A 7 -2.15 -2.23 -0.54
CA LYS A 7 -1.92 -2.21 0.89
C LYS A 7 -0.54 -1.68 1.17
N ILE A 8 0.29 -1.68 0.14
CA ILE A 8 1.63 -1.19 0.29
C ILE A 8 1.69 0.29 0.01
N GLY A 9 0.88 0.72 -0.93
CA GLY A 9 0.80 2.12 -1.27
C GLY A 9 0.21 2.92 -0.14
N ALA A 10 -0.74 2.33 0.56
CA ALA A 10 -1.36 3.02 1.66
C ALA A 10 -0.37 3.17 2.79
N VAL A 11 0.56 2.24 2.90
CA VAL A 11 1.58 2.36 3.92
C VAL A 11 2.24 3.72 3.77
N LEU A 12 2.34 4.14 2.51
CA LEU A 12 2.88 5.45 2.18
C LEU A 12 2.15 6.50 2.99
N LYS A 13 0.87 6.23 3.20
CA LYS A 13 -0.01 7.09 3.96
C LYS A 13 0.27 6.93 5.44
N VAL A 14 0.52 5.69 5.83
CA VAL A 14 0.81 5.33 7.19
C VAL A 14 2.24 5.75 7.58
N LEU A 15 3.00 6.15 6.57
CA LEU A 15 4.37 6.56 6.76
C LEU A 15 4.46 8.04 7.12
N LYS A 1 1.34 -8.24 -4.66
CA LYS A 1 1.36 -7.67 -6.02
C LYS A 1 0.04 -7.02 -6.38
N TRP A 2 -1.02 -7.70 -6.01
CA TRP A 2 -2.37 -7.25 -6.31
C TRP A 2 -3.01 -6.30 -5.25
N LYS A 3 -3.79 -6.85 -4.30
CA LYS A 3 -4.45 -6.06 -3.25
C LYS A 3 -3.49 -5.72 -2.12
N LEU A 4 -2.27 -6.11 -2.31
CA LEU A 4 -1.20 -5.82 -1.36
C LEU A 4 -0.54 -4.56 -1.82
N PHE A 5 -0.31 -4.57 -3.10
CA PHE A 5 0.28 -3.48 -3.83
C PHE A 5 -0.51 -2.23 -3.49
N LYS A 6 -1.78 -2.47 -3.30
CA LYS A 6 -2.73 -1.47 -2.93
C LYS A 6 -2.62 -1.21 -1.43
N LYS A 7 -2.14 -2.23 -0.70
CA LYS A 7 -1.96 -2.09 0.74
C LYS A 7 -0.59 -1.57 1.05
N ILE A 8 0.26 -1.56 0.05
CA ILE A 8 1.60 -1.06 0.24
C ILE A 8 1.65 0.43 -0.04
N GLY A 9 0.80 0.88 -0.93
CA GLY A 9 0.73 2.28 -1.25
C GLY A 9 0.14 3.06 -0.10
N ALA A 10 -0.81 2.46 0.59
CA ALA A 10 -1.42 3.14 1.71
C ALA A 10 -0.41 3.27 2.83
N VAL A 11 0.51 2.32 2.93
CA VAL A 11 1.54 2.43 3.95
C VAL A 11 2.23 3.77 3.76
N LEU A 12 2.30 4.20 2.50
CA LEU A 12 2.86 5.49 2.16
C LEU A 12 2.21 6.54 3.04
N LYS A 13 0.92 6.30 3.28
CA LYS A 13 0.11 7.17 4.11
C LYS A 13 0.38 6.91 5.57
N VAL A 14 0.62 5.64 5.89
CA VAL A 14 0.88 5.22 7.24
C VAL A 14 2.33 5.51 7.63
N LEU A 15 3.10 6.01 6.67
CA LEU A 15 4.50 6.32 6.89
C LEU A 15 4.66 7.75 7.41
N LYS A 1 1.03 -8.28 -5.16
CA LYS A 1 1.06 -7.45 -6.40
C LYS A 1 -0.26 -6.75 -6.62
N TRP A 2 -1.32 -7.41 -6.24
CA TRP A 2 -2.67 -6.90 -6.42
C TRP A 2 -3.21 -6.01 -5.27
N LYS A 3 -3.98 -6.60 -4.33
CA LYS A 3 -4.56 -5.86 -3.21
C LYS A 3 -3.55 -5.63 -2.10
N LEU A 4 -2.34 -6.05 -2.38
CA LEU A 4 -1.22 -5.86 -1.47
C LEU A 4 -0.56 -4.57 -1.87
N PHE A 5 -0.35 -4.52 -3.16
CA PHE A 5 0.21 -3.40 -3.84
C PHE A 5 -0.56 -2.17 -3.43
N LYS A 6 -1.84 -2.43 -3.25
CA LYS A 6 -2.78 -1.44 -2.81
C LYS A 6 -2.60 -1.22 -1.31
N LYS A 7 -2.09 -2.26 -0.62
CA LYS A 7 -1.84 -2.16 0.80
C LYS A 7 -0.46 -1.62 1.07
N ILE A 8 0.34 -1.55 0.03
CA ILE A 8 1.68 -1.05 0.18
C ILE A 8 1.72 0.45 -0.11
N GLY A 9 0.82 0.88 -0.96
CA GLY A 9 0.73 2.29 -1.29
C GLY A 9 0.14 3.08 -0.14
N ALA A 10 -0.78 2.46 0.57
CA ALA A 10 -1.39 3.13 1.69
C ALA A 10 -0.43 3.24 2.83
N VAL A 11 0.48 2.26 2.97
CA VAL A 11 1.47 2.35 4.01
C VAL A 11 2.21 3.67 3.83
N LEU A 12 2.31 4.09 2.57
CA LEU A 12 2.91 5.36 2.22
C LEU A 12 2.24 6.45 3.04
N LYS A 13 0.94 6.24 3.24
CA LYS A 13 0.11 7.15 4.00
C LYS A 13 0.37 6.98 5.49
N VAL A 14 0.55 5.73 5.88
CA VAL A 14 0.80 5.37 7.26
C VAL A 14 2.24 5.67 7.64
N LEU A 15 3.03 6.03 6.63
CA LEU A 15 4.44 6.35 6.83
C LEU A 15 4.63 7.80 7.24
N LYS A 1 1.72 -5.64 -6.95
CA LYS A 1 0.93 -4.69 -7.78
C LYS A 1 -0.56 -4.87 -7.55
N TRP A 2 -0.94 -6.04 -7.09
CA TRP A 2 -2.33 -6.38 -6.89
C TRP A 2 -3.07 -5.82 -5.65
N LYS A 3 -3.37 -6.69 -4.64
CA LYS A 3 -4.15 -6.27 -3.47
C LYS A 3 -3.27 -5.82 -2.34
N LEU A 4 -2.02 -6.07 -2.50
CA LEU A 4 -1.04 -5.65 -1.55
C LEU A 4 -0.42 -4.37 -2.03
N PHE A 5 -0.41 -4.18 -3.36
CA PHE A 5 0.10 -2.97 -3.95
C PHE A 5 -0.74 -1.84 -3.42
N LYS A 6 -1.94 -2.22 -3.06
CA LYS A 6 -2.90 -1.32 -2.51
C LYS A 6 -2.67 -1.22 -1.01
N LYS A 7 -2.11 -2.28 -0.42
CA LYS A 7 -1.82 -2.26 1.00
C LYS A 7 -0.42 -1.75 1.24
N ILE A 8 0.37 -1.67 0.17
CA ILE A 8 1.71 -1.18 0.30
C ILE A 8 1.77 0.30 -0.01
N GLY A 9 0.91 0.73 -0.91
CA GLY A 9 0.85 2.12 -1.28
C GLY A 9 0.21 2.94 -0.19
N ALA A 10 -0.72 2.34 0.54
CA ALA A 10 -1.38 3.04 1.61
C ALA A 10 -0.45 3.21 2.78
N VAL A 11 0.40 2.22 3.02
CA VAL A 11 1.36 2.35 4.11
C VAL A 11 2.14 3.63 3.87
N LEU A 12 2.30 3.96 2.59
CA LEU A 12 2.96 5.19 2.18
C LEU A 12 2.30 6.34 2.93
N LYS A 13 1.00 6.19 3.10
CA LYS A 13 0.18 7.16 3.79
C LYS A 13 0.35 7.01 5.29
N VAL A 14 0.49 5.76 5.72
CA VAL A 14 0.65 5.42 7.10
C VAL A 14 2.08 5.67 7.57
N LEU A 15 2.93 6.07 6.65
CA LEU A 15 4.33 6.33 6.94
C LEU A 15 4.60 7.84 7.04
N LYS A 1 1.55 -5.50 -7.02
CA LYS A 1 0.77 -4.55 -7.87
C LYS A 1 -0.72 -4.64 -7.59
N TRP A 2 -1.16 -5.81 -7.22
CA TRP A 2 -2.57 -6.09 -7.00
C TRP A 2 -3.23 -5.55 -5.70
N LYS A 3 -3.54 -6.46 -4.74
CA LYS A 3 -4.25 -6.07 -3.52
C LYS A 3 -3.33 -5.70 -2.40
N LEU A 4 -2.09 -5.98 -2.61
CA LEU A 4 -1.08 -5.63 -1.66
C LEU A 4 -0.42 -4.34 -2.12
N PHE A 5 -0.47 -4.09 -3.42
CA PHE A 5 0.06 -2.86 -3.96
C PHE A 5 -0.74 -1.73 -3.36
N LYS A 6 -1.94 -2.11 -2.98
CA LYS A 6 -2.86 -1.21 -2.35
C LYS A 6 -2.58 -1.21 -0.86
N LYS A 7 -2.01 -2.31 -0.36
CA LYS A 7 -1.66 -2.39 1.04
C LYS A 7 -0.28 -1.83 1.25
N ILE A 8 0.46 -1.70 0.15
CA ILE A 8 1.79 -1.17 0.24
C ILE A 8 1.80 0.32 -0.06
N GLY A 9 0.87 0.72 -0.90
CA GLY A 9 0.76 2.13 -1.26
C GLY A 9 0.10 2.93 -0.16
N ALA A 10 -0.76 2.28 0.61
CA ALA A 10 -1.42 2.99 1.69
C ALA A 10 -0.49 3.16 2.87
N VAL A 11 0.32 2.16 3.16
CA VAL A 11 1.27 2.32 4.24
C VAL A 11 2.11 3.56 3.95
N LEU A 12 2.29 3.79 2.64
CA LEU A 12 2.98 4.96 2.16
C LEU A 12 2.38 6.20 2.80
N LYS A 13 1.06 6.10 3.02
CA LYS A 13 0.28 7.16 3.62
C LYS A 13 0.38 7.09 5.13
N VAL A 14 0.44 5.87 5.63
CA VAL A 14 0.53 5.61 7.04
C VAL A 14 1.96 5.76 7.55
N LEU A 15 2.86 6.16 6.66
CA LEU A 15 4.27 6.34 7.02
C LEU A 15 4.65 7.82 7.00
N LYS A 1 1.85 -3.81 -7.83
CA LYS A 1 1.29 -5.18 -7.61
C LYS A 1 -0.23 -5.15 -7.45
N TRP A 2 -0.80 -6.28 -7.07
CA TRP A 2 -2.26 -6.43 -6.95
C TRP A 2 -2.99 -5.78 -5.75
N LYS A 3 -3.44 -6.60 -4.77
CA LYS A 3 -4.24 -6.09 -3.64
C LYS A 3 -3.39 -5.70 -2.47
N LEU A 4 -2.15 -6.03 -2.56
CA LEU A 4 -1.21 -5.66 -1.56
C LEU A 4 -0.48 -4.43 -2.01
N PHE A 5 -0.40 -4.25 -3.35
CA PHE A 5 0.21 -3.06 -3.90
C PHE A 5 -0.58 -1.89 -3.41
N LYS A 6 -1.82 -2.19 -3.12
CA LYS A 6 -2.76 -1.25 -2.61
C LYS A 6 -2.59 -1.17 -1.10
N LYS A 7 -2.11 -2.28 -0.50
CA LYS A 7 -1.88 -2.29 0.93
C LYS A 7 -0.50 -1.75 1.21
N ILE A 8 0.34 -1.71 0.19
CA ILE A 8 1.68 -1.20 0.35
C ILE A 8 1.73 0.27 0.02
N GLY A 9 0.85 0.68 -0.87
CA GLY A 9 0.78 2.08 -1.24
C GLY A 9 0.16 2.91 -0.14
N ALA A 10 -0.77 2.31 0.59
CA ALA A 10 -1.40 3.03 1.68
C ALA A 10 -0.44 3.18 2.81
N VAL A 11 0.47 2.22 2.99
CA VAL A 11 1.46 2.34 4.02
C VAL A 11 2.19 3.65 3.81
N LEU A 12 2.29 4.03 2.54
CA LEU A 12 2.89 5.30 2.15
C LEU A 12 2.21 6.40 2.92
N LYS A 13 0.91 6.19 3.14
CA LYS A 13 0.08 7.12 3.86
C LYS A 13 0.34 7.00 5.35
N VAL A 14 0.53 5.77 5.79
CA VAL A 14 0.79 5.46 7.18
C VAL A 14 2.24 5.80 7.53
N LEU A 15 3.02 6.11 6.51
CA LEU A 15 4.42 6.45 6.67
C LEU A 15 4.60 7.91 7.06
N LYS A 1 0.92 -8.35 -5.09
CA LYS A 1 0.98 -7.54 -6.33
C LYS A 1 -0.33 -6.79 -6.57
N TRP A 2 -1.40 -7.43 -6.19
CA TRP A 2 -2.75 -6.89 -6.38
C TRP A 2 -3.26 -5.98 -5.23
N LYS A 3 -4.03 -6.56 -4.28
CA LYS A 3 -4.60 -5.81 -3.15
C LYS A 3 -3.57 -5.60 -2.04
N LEU A 4 -2.37 -6.02 -2.34
CA LEU A 4 -1.25 -5.84 -1.44
C LEU A 4 -0.56 -4.59 -1.84
N PHE A 5 -0.36 -4.54 -3.15
CA PHE A 5 0.24 -3.44 -3.82
C PHE A 5 -0.51 -2.20 -3.44
N LYS A 6 -1.80 -2.42 -3.27
CA LYS A 6 -2.72 -1.40 -2.85
C LYS A 6 -2.55 -1.19 -1.36
N LYS A 7 -2.06 -2.24 -0.66
CA LYS A 7 -1.83 -2.15 0.77
C LYS A 7 -0.44 -1.63 1.04
N ILE A 8 0.35 -1.51 -0.02
CA ILE A 8 1.69 -1.01 0.13
C ILE A 8 1.71 0.49 -0.12
N GLY A 9 0.80 0.93 -0.96
CA GLY A 9 0.69 2.34 -1.26
C GLY A 9 0.08 3.09 -0.10
N ALA A 10 -0.81 2.44 0.63
CA ALA A 10 -1.43 3.09 1.75
C ALA A 10 -0.45 3.21 2.89
N VAL A 11 0.45 2.24 3.02
CA VAL A 11 1.46 2.33 4.05
C VAL A 11 2.20 3.64 3.85
N LEU A 12 2.28 4.04 2.59
CA LEU A 12 2.88 5.30 2.20
C LEU A 12 2.23 6.41 2.99
N LYS A 13 0.94 6.21 3.25
CA LYS A 13 0.14 7.15 4.00
C LYS A 13 0.41 6.99 5.47
N VAL A 14 0.56 5.73 5.87
CA VAL A 14 0.85 5.37 7.24
C VAL A 14 2.25 5.81 7.63
N LEU A 15 3.05 6.06 6.60
CA LEU A 15 4.44 6.49 6.76
C LEU A 15 4.52 7.92 7.28
N LYS A 1 2.23 -6.20 -6.25
CA LYS A 1 1.58 -5.39 -7.32
C LYS A 1 0.06 -5.47 -7.23
N TRP A 2 -0.40 -6.60 -6.78
CA TRP A 2 -1.83 -6.86 -6.71
C TRP A 2 -2.66 -6.23 -5.56
N LYS A 3 -3.06 -7.03 -4.54
CA LYS A 3 -3.92 -6.54 -3.47
C LYS A 3 -3.15 -5.97 -2.31
N LEU A 4 -1.90 -6.25 -2.34
CA LEU A 4 -1.01 -5.74 -1.33
C LEU A 4 -0.31 -4.50 -1.85
N PHE A 5 -0.16 -4.43 -3.18
CA PHE A 5 0.43 -3.25 -3.78
C PHE A 5 -0.46 -2.09 -3.47
N LYS A 6 -1.71 -2.45 -3.21
CA LYS A 6 -2.71 -1.51 -2.84
C LYS A 6 -2.64 -1.30 -1.34
N LYS A 7 -2.16 -2.33 -0.62
CA LYS A 7 -1.99 -2.23 0.81
C LYS A 7 -0.65 -1.62 1.11
N ILE A 8 0.16 -1.46 0.08
CA ILE A 8 1.48 -0.88 0.25
C ILE A 8 1.45 0.61 -0.04
N GLY A 9 0.61 0.99 -0.98
CA GLY A 9 0.47 2.39 -1.32
C GLY A 9 -0.08 3.18 -0.16
N ALA A 10 -0.98 2.59 0.58
CA ALA A 10 -1.55 3.28 1.72
C ALA A 10 -0.56 3.32 2.86
N VAL A 11 0.24 2.27 3.00
CA VAL A 11 1.25 2.27 4.03
C VAL A 11 2.12 3.50 3.82
N LEU A 12 2.23 3.88 2.54
CA LEU A 12 2.95 5.07 2.14
C LEU A 12 2.42 6.24 2.94
N LYS A 13 1.12 6.17 3.19
CA LYS A 13 0.40 7.18 3.96
C LYS A 13 0.66 7.00 5.44
N VAL A 14 0.68 5.74 5.85
CA VAL A 14 0.91 5.37 7.21
C VAL A 14 2.38 5.54 7.59
N LEU A 15 3.19 5.80 6.58
CA LEU A 15 4.62 5.99 6.76
C LEU A 15 4.93 7.38 7.29
N LYS A 1 1.89 -3.76 -7.78
CA LYS A 1 1.40 -5.15 -7.53
C LYS A 1 -0.12 -5.19 -7.36
N TRP A 2 -0.63 -6.34 -6.96
CA TRP A 2 -2.08 -6.56 -6.83
C TRP A 2 -2.84 -5.92 -5.65
N LYS A 3 -3.27 -6.72 -4.66
CA LYS A 3 -4.09 -6.24 -3.55
C LYS A 3 -3.29 -5.77 -2.38
N LEU A 4 -2.04 -6.07 -2.46
CA LEU A 4 -1.11 -5.64 -1.45
C LEU A 4 -0.40 -4.40 -1.94
N PHE A 5 -0.33 -4.24 -3.28
CA PHE A 5 0.27 -3.04 -3.85
C PHE A 5 -0.56 -1.88 -3.38
N LYS A 6 -1.80 -2.22 -3.09
CA LYS A 6 -2.75 -1.30 -2.59
C LYS A 6 -2.57 -1.19 -1.08
N LYS A 7 -2.08 -2.29 -0.48
CA LYS A 7 -1.80 -2.31 0.94
C LYS A 7 -0.43 -1.73 1.19
N ILE A 8 0.34 -1.58 0.12
CA ILE A 8 1.66 -1.03 0.22
C ILE A 8 1.63 0.46 -0.07
N GLY A 9 0.73 0.84 -0.95
CA GLY A 9 0.59 2.23 -1.30
C GLY A 9 -0.01 3.04 -0.17
N ALA A 10 -0.86 2.39 0.63
CA ALA A 10 -1.47 3.09 1.74
C ALA A 10 -0.50 3.22 2.87
N VAL A 11 0.32 2.20 3.11
CA VAL A 11 1.30 2.31 4.16
C VAL A 11 2.15 3.55 3.87
N LEU A 12 2.26 3.84 2.58
CA LEU A 12 2.96 5.03 2.12
C LEU A 12 2.38 6.22 2.86
N LYS A 13 1.07 6.14 3.06
CA LYS A 13 0.30 7.15 3.75
C LYS A 13 0.44 6.98 5.25
N VAL A 14 0.59 5.73 5.66
CA VAL A 14 0.70 5.38 7.06
C VAL A 14 2.11 5.65 7.59
N LEU A 15 2.94 6.27 6.77
CA LEU A 15 4.31 6.56 7.15
C LEU A 15 4.54 8.06 7.30
N LYS A 1 2.09 -5.68 -6.48
CA LYS A 1 1.40 -4.90 -7.53
C LYS A 1 -0.11 -5.02 -7.42
N TRP A 2 -0.53 -6.18 -7.01
CA TRP A 2 -1.95 -6.50 -6.91
C TRP A 2 -2.75 -5.93 -5.71
N LYS A 3 -3.12 -6.79 -4.73
CA LYS A 3 -3.96 -6.35 -3.61
C LYS A 3 -3.16 -5.87 -2.44
N LEU A 4 -1.91 -6.12 -2.52
CA LEU A 4 -0.99 -5.66 -1.51
C LEU A 4 -0.33 -4.39 -1.99
N PHE A 5 -0.26 -4.21 -3.32
CA PHE A 5 0.28 -2.99 -3.88
C PHE A 5 -0.59 -1.86 -3.40
N LYS A 6 -1.82 -2.25 -3.11
CA LYS A 6 -2.80 -1.36 -2.60
C LYS A 6 -2.63 -1.26 -1.09
N LYS A 7 -2.10 -2.33 -0.49
CA LYS A 7 -1.85 -2.35 0.93
C LYS A 7 -0.51 -1.74 1.22
N ILE A 8 0.29 -1.60 0.17
CA ILE A 8 1.61 -1.03 0.33
C ILE A 8 1.59 0.45 0.00
N GLY A 9 0.71 0.82 -0.90
CA GLY A 9 0.58 2.21 -1.28
C GLY A 9 -0.02 3.03 -0.16
N ALA A 10 -0.90 2.42 0.62
CA ALA A 10 -1.51 3.14 1.71
C ALA A 10 -0.55 3.28 2.85
N VAL A 11 0.24 2.24 3.12
CA VAL A 11 1.22 2.35 4.18
C VAL A 11 2.09 3.56 3.88
N LEU A 12 2.24 3.83 2.58
CA LEU A 12 2.96 4.99 2.11
C LEU A 12 2.43 6.21 2.84
N LYS A 13 1.12 6.16 3.06
CA LYS A 13 0.40 7.20 3.75
C LYS A 13 0.56 7.04 5.26
N VAL A 14 0.61 5.78 5.69
CA VAL A 14 0.75 5.44 7.08
C VAL A 14 2.20 5.57 7.54
N LEU A 15 3.07 5.99 6.64
CA LEU A 15 4.48 6.14 6.94
C LEU A 15 4.93 7.59 6.75
N LYS A 1 1.86 -5.30 -6.72
CA LYS A 1 1.17 -4.40 -7.69
C LYS A 1 -0.34 -4.47 -7.54
N TRP A 2 -0.80 -5.64 -7.20
CA TRP A 2 -2.23 -5.91 -7.09
C TRP A 2 -2.98 -5.40 -5.83
N LYS A 3 -3.38 -6.32 -4.92
CA LYS A 3 -4.17 -5.95 -3.74
C LYS A 3 -3.32 -5.61 -2.55
N LEU A 4 -2.08 -5.91 -2.68
CA LEU A 4 -1.12 -5.60 -1.67
C LEU A 4 -0.40 -4.31 -2.05
N PHE A 5 -0.36 -4.03 -3.36
CA PHE A 5 0.24 -2.79 -3.82
C PHE A 5 -0.56 -1.67 -3.23
N LYS A 6 -1.79 -2.02 -2.94
CA LYS A 6 -2.72 -1.12 -2.34
C LYS A 6 -2.49 -1.15 -0.83
N LYS A 7 -2.01 -2.29 -0.33
CA LYS A 7 -1.71 -2.42 1.08
C LYS A 7 -0.34 -1.83 1.34
N ILE A 8 0.43 -1.66 0.28
CA ILE A 8 1.74 -1.08 0.40
C ILE A 8 1.70 0.39 0.02
N GLY A 9 0.79 0.71 -0.86
CA GLY A 9 0.63 2.09 -1.29
C GLY A 9 -0.01 2.92 -0.20
N ALA A 10 -0.88 2.30 0.57
CA ALA A 10 -1.53 3.02 1.64
C ALA A 10 -0.57 3.17 2.80
N VAL A 11 0.24 2.15 3.04
CA VAL A 11 1.21 2.26 4.11
C VAL A 11 2.07 3.48 3.81
N LEU A 12 2.21 3.75 2.52
CA LEU A 12 2.93 4.93 2.05
C LEU A 12 2.37 6.15 2.75
N LYS A 13 1.07 6.08 2.99
CA LYS A 13 0.32 7.13 3.66
C LYS A 13 0.49 7.02 5.16
N VAL A 14 0.50 5.78 5.62
CA VAL A 14 0.64 5.48 7.02
C VAL A 14 2.09 5.66 7.48
N LEU A 15 2.96 5.90 6.52
CA LEU A 15 4.38 6.08 6.79
C LEU A 15 4.70 7.55 7.08
N LYS A 1 1.68 -5.70 -6.62
CA LYS A 1 0.94 -4.93 -7.65
C LYS A 1 -0.55 -5.01 -7.44
N TRP A 2 -0.98 -6.16 -7.01
CA TRP A 2 -2.39 -6.46 -6.82
C TRP A 2 -3.11 -5.86 -5.58
N LYS A 3 -3.43 -6.69 -4.57
CA LYS A 3 -4.19 -6.23 -3.40
C LYS A 3 -3.30 -5.77 -2.29
N LEU A 4 -2.05 -6.04 -2.45
CA LEU A 4 -1.07 -5.61 -1.50
C LEU A 4 -0.42 -4.34 -2.02
N PHE A 5 -0.43 -4.17 -3.35
CA PHE A 5 0.09 -2.96 -3.94
C PHE A 5 -0.71 -1.81 -3.41
N LYS A 6 -1.92 -2.18 -3.05
CA LYS A 6 -2.86 -1.27 -2.48
C LYS A 6 -2.61 -1.19 -0.98
N LYS A 7 -2.06 -2.28 -0.42
CA LYS A 7 -1.74 -2.32 0.99
C LYS A 7 -0.36 -1.77 1.22
N ILE A 8 0.40 -1.66 0.14
CA ILE A 8 1.75 -1.13 0.26
C ILE A 8 1.77 0.35 -0.07
N GLY A 9 0.87 0.76 -0.94
CA GLY A 9 0.78 2.15 -1.31
C GLY A 9 0.14 2.97 -0.21
N ALA A 10 -0.75 2.35 0.54
CA ALA A 10 -1.40 3.06 1.62
C ALA A 10 -0.48 3.18 2.80
N VAL A 11 0.36 2.17 3.02
CA VAL A 11 1.32 2.26 4.11
C VAL A 11 2.13 3.52 3.89
N LEU A 12 2.30 3.87 2.62
CA LEU A 12 2.98 5.08 2.21
C LEU A 12 2.32 6.25 2.93
N LYS A 13 1.01 6.11 3.08
CA LYS A 13 0.19 7.11 3.73
C LYS A 13 0.37 7.03 5.24
N VAL A 14 0.46 5.80 5.72
CA VAL A 14 0.63 5.52 7.13
C VAL A 14 2.08 5.79 7.56
N LEU A 15 2.92 6.03 6.57
CA LEU A 15 4.34 6.28 6.81
C LEU A 15 4.58 7.74 7.16
N LYS A 1 2.39 -5.70 -6.49
CA LYS A 1 1.67 -4.84 -7.48
C LYS A 1 0.17 -5.04 -7.43
N TRP A 2 -0.22 -6.22 -7.00
CA TRP A 2 -1.63 -6.59 -6.95
C TRP A 2 -2.50 -6.04 -5.79
N LYS A 3 -2.89 -6.89 -4.82
CA LYS A 3 -3.80 -6.46 -3.75
C LYS A 3 -3.05 -5.97 -2.54
N LEU A 4 -1.79 -6.19 -2.56
CA LEU A 4 -0.93 -5.72 -1.51
C LEU A 4 -0.29 -4.43 -1.97
N PHE A 5 -0.17 -4.26 -3.28
CA PHE A 5 0.37 -3.04 -3.83
C PHE A 5 -0.54 -1.93 -3.40
N LYS A 6 -1.77 -2.34 -3.16
CA LYS A 6 -2.80 -1.46 -2.71
C LYS A 6 -2.69 -1.32 -1.21
N LYS A 7 -2.17 -2.37 -0.56
CA LYS A 7 -1.99 -2.32 0.88
C LYS A 7 -0.65 -1.69 1.20
N ILE A 8 0.20 -1.58 0.19
CA ILE A 8 1.49 -0.98 0.39
C ILE A 8 1.47 0.49 0.06
N GLY A 9 0.63 0.84 -0.88
CA GLY A 9 0.50 2.22 -1.28
C GLY A 9 -0.05 3.06 -0.16
N ALA A 10 -0.97 2.50 0.61
CA ALA A 10 -1.53 3.24 1.71
C ALA A 10 -0.55 3.30 2.86
N VAL A 11 0.25 2.26 3.02
CA VAL A 11 1.25 2.28 4.06
C VAL A 11 2.12 3.51 3.82
N LEU A 12 2.26 3.86 2.55
CA LEU A 12 2.98 5.05 2.15
C LEU A 12 2.43 6.23 2.91
N LYS A 13 1.12 6.17 3.13
CA LYS A 13 0.40 7.20 3.85
C LYS A 13 0.64 7.06 5.34
N VAL A 14 0.65 5.82 5.79
CA VAL A 14 0.87 5.49 7.18
C VAL A 14 2.33 5.64 7.56
N LEU A 15 3.16 5.83 6.55
CA LEU A 15 4.60 5.99 6.72
C LEU A 15 4.94 7.43 7.13
N LYS A 1 1.82 -5.78 -6.54
CA LYS A 1 1.15 -4.99 -7.59
C LYS A 1 -0.36 -5.03 -7.45
N TRP A 2 -0.83 -6.19 -7.03
CA TRP A 2 -2.26 -6.44 -6.90
C TRP A 2 -3.01 -5.83 -5.68
N LYS A 3 -3.39 -6.66 -4.70
CA LYS A 3 -4.18 -6.20 -3.55
C LYS A 3 -3.33 -5.75 -2.40
N LEU A 4 -2.08 -6.04 -2.52
CA LEU A 4 -1.12 -5.63 -1.53
C LEU A 4 -0.43 -4.38 -2.03
N PHE A 5 -0.39 -4.20 -3.34
CA PHE A 5 0.18 -3.00 -3.92
C PHE A 5 -0.63 -1.85 -3.41
N LYS A 6 -1.87 -2.19 -3.10
CA LYS A 6 -2.81 -1.27 -2.57
C LYS A 6 -2.61 -1.19 -1.06
N LYS A 7 -2.11 -2.29 -0.47
CA LYS A 7 -1.84 -2.32 0.95
C LYS A 7 -0.46 -1.77 1.22
N ILE A 8 0.34 -1.69 0.18
CA ILE A 8 1.69 -1.17 0.33
C ILE A 8 1.72 0.31 0.00
N GLY A 9 0.85 0.71 -0.89
CA GLY A 9 0.77 2.10 -1.27
C GLY A 9 0.15 2.93 -0.16
N ALA A 10 -0.77 2.32 0.57
CA ALA A 10 -1.41 3.03 1.65
C ALA A 10 -0.45 3.18 2.81
N VAL A 11 0.41 2.18 3.01
CA VAL A 11 1.39 2.30 4.07
C VAL A 11 2.17 3.59 3.84
N LEU A 12 2.28 3.96 2.56
CA LEU A 12 2.92 5.19 2.15
C LEU A 12 2.27 6.33 2.90
N LYS A 13 0.96 6.17 3.11
CA LYS A 13 0.15 7.14 3.82
C LYS A 13 0.39 7.03 5.31
N VAL A 14 0.51 5.80 5.76
CA VAL A 14 0.73 5.50 7.16
C VAL A 14 2.18 5.78 7.55
N LEU A 15 2.99 6.05 6.54
CA LEU A 15 4.40 6.33 6.74
C LEU A 15 4.61 7.76 7.22
#